data_9JF2
#
_entry.id   9JF2
#
_cell.length_a   38.147
_cell.length_b   65.426
_cell.length_c   109.804
_cell.angle_alpha   90.000
_cell.angle_beta   90.000
_cell.angle_gamma   90.000
#
_symmetry.space_group_name_H-M   'P 2 21 21'
#
loop_
_entity.id
_entity.type
_entity.pdbx_description
1 polymer 'Gamma-aminobutyric acid receptor-associated protein-like 1'
2 polymer 'Autophagy-related protein 16-1'
3 non-polymer (4S)-2-METHYL-2,4-PENTANEDIOL
4 water water
#
loop_
_entity_poly.entity_id
_entity_poly.type
_entity_poly.pdbx_seq_one_letter_code
_entity_poly.pdbx_strand_id
1 'polypeptide(L)'
;GPGSMKFQYKEDHPFEYRKKEGEKIRKKYPDRVPVIVEKAPKARVPDLDKRKYLVPSDLTVGQFYFLIRKRIHLRPEDAL
FFFVNNTIPPTSATMGQLYEDNHEEDYFLYVAYSDESVYGK
;
A,B
2 'polypeptide(L)' EQDDDIEVIVDET C,D
#
# COMPACT_ATOMS: atom_id res chain seq x y z
N GLY A 1 1.40 -1.03 5.72
CA GLY A 1 0.08 -0.35 5.50
C GLY A 1 -0.49 0.22 6.78
N PRO A 2 -1.81 0.39 6.84
CA PRO A 2 -2.45 0.80 8.09
C PRO A 2 -2.52 -0.38 9.04
N GLY A 3 -3.05 -0.13 10.23
CA GLY A 3 -3.16 -1.17 11.23
C GLY A 3 -1.82 -1.50 11.84
N SER A 4 -1.87 -2.40 12.83
CA SER A 4 -0.71 -2.89 13.55
C SER A 4 -0.76 -4.40 13.63
N MET A 5 -1.02 -5.02 12.49
CA MET A 5 -0.99 -6.47 12.35
C MET A 5 0.43 -6.93 12.04
N LYS A 6 0.66 -8.24 12.15
CA LYS A 6 1.92 -8.87 11.74
C LYS A 6 1.58 -10.11 10.93
N PHE A 7 2.00 -10.13 9.68
CA PHE A 7 1.76 -11.25 8.77
C PHE A 7 3.11 -11.85 8.39
N GLN A 8 3.17 -13.19 8.41
CA GLN A 8 4.40 -13.88 8.04
C GLN A 8 4.72 -13.72 6.56
N TYR A 9 3.70 -13.55 5.71
CA TYR A 9 3.97 -13.30 4.30
C TYR A 9 4.84 -12.06 4.15
N LYS A 10 4.59 -11.04 4.96
CA LYS A 10 5.42 -9.84 4.91
C LYS A 10 6.77 -10.04 5.58
N GLU A 11 6.83 -10.83 6.66
CA GLU A 11 8.13 -11.20 7.24
C GLU A 11 8.98 -11.94 6.21
N ASP A 12 8.35 -12.78 5.38
CA ASP A 12 9.08 -13.68 4.50
C ASP A 12 9.49 -13.06 3.17
N HIS A 13 8.87 -11.96 2.76
CA HIS A 13 9.15 -11.39 1.46
C HIS A 13 9.32 -9.88 1.57
N PRO A 14 10.33 -9.31 0.93
CA PRO A 14 10.40 -7.83 0.87
C PRO A 14 9.29 -7.25 0.00
N PHE A 15 9.05 -5.95 0.20
CA PHE A 15 7.97 -5.25 -0.50
C PHE A 15 8.03 -5.44 -2.02
N GLU A 16 9.22 -5.26 -2.61
CA GLU A 16 9.33 -5.38 -4.06
C GLU A 16 8.82 -6.73 -4.56
N TYR A 17 9.17 -7.81 -3.86
CA TYR A 17 8.68 -9.13 -4.24
C TYR A 17 7.16 -9.20 -4.13
N ARG A 18 6.62 -8.72 -3.01
CA ARG A 18 5.17 -8.82 -2.80
C ARG A 18 4.42 -8.02 -3.85
N LYS A 19 4.89 -6.81 -4.14
CA LYS A 19 4.20 -5.95 -5.09
C LYS A 19 4.18 -6.60 -6.47
N LYS A 20 5.31 -7.20 -6.89
CA LYS A 20 5.32 -7.90 -8.16
C LYS A 20 4.31 -9.04 -8.20
N GLU A 21 4.21 -9.82 -7.11
CA GLU A 21 3.24 -10.90 -7.10
C GLU A 21 1.81 -10.35 -7.11
N GLY A 22 1.54 -9.35 -6.27
CA GLY A 22 0.18 -8.83 -6.17
C GLY A 22 -0.27 -8.16 -7.45
N GLU A 23 0.60 -7.34 -8.03
CA GLU A 23 0.29 -6.69 -9.29
C GLU A 23 0.00 -7.73 -10.38
N LYS A 24 0.83 -8.75 -10.46
CA LYS A 24 0.63 -9.77 -11.49
C LYS A 24 -0.74 -10.41 -11.37
N ILE A 25 -1.13 -10.77 -10.16
CA ILE A 25 -2.41 -11.46 -9.97
C ILE A 25 -3.57 -10.54 -10.30
N ARG A 26 -3.47 -9.27 -9.87
CA ARG A 26 -4.52 -8.31 -10.14
C ARG A 26 -4.74 -8.14 -11.63
N LYS A 27 -3.65 -8.06 -12.40
CA LYS A 27 -3.76 -7.88 -13.84
C LYS A 27 -4.39 -9.09 -14.50
N LYS A 28 -3.96 -10.29 -14.11
CA LYS A 28 -4.38 -11.50 -14.80
C LYS A 28 -5.85 -11.82 -14.56
N TYR A 29 -6.39 -11.43 -13.40
CA TYR A 29 -7.76 -11.75 -13.04
C TYR A 29 -8.50 -10.48 -12.62
N PRO A 30 -9.10 -9.76 -13.57
CA PRO A 30 -9.74 -8.48 -13.22
C PRO A 30 -10.98 -8.62 -12.34
N ASP A 31 -11.65 -9.77 -12.34
CA ASP A 31 -12.86 -9.96 -11.55
C ASP A 31 -12.60 -10.75 -10.26
N ARG A 32 -11.34 -10.89 -9.87
CA ARG A 32 -10.95 -11.57 -8.65
C ARG A 32 -9.95 -10.71 -7.91
N VAL A 33 -9.73 -11.00 -6.63
CA VAL A 33 -8.76 -10.25 -5.85
C VAL A 33 -7.80 -11.20 -5.15
N PRO A 34 -6.53 -10.81 -5.01
CA PRO A 34 -5.58 -11.60 -4.22
C PRO A 34 -5.65 -11.26 -2.74
N VAL A 35 -5.64 -12.30 -1.91
CA VAL A 35 -5.84 -12.18 -0.48
C VAL A 35 -4.82 -13.06 0.22
N ILE A 36 -4.18 -12.51 1.25
CA ILE A 36 -3.34 -13.25 2.18
C ILE A 36 -4.18 -13.53 3.42
N VAL A 37 -4.28 -14.81 3.80
CA VAL A 37 -5.04 -15.24 4.96
C VAL A 37 -4.11 -15.97 5.93
N GLU A 38 -3.98 -15.43 7.15
CA GLU A 38 -3.11 -16.06 8.14
C GLU A 38 -3.79 -16.07 9.49
N LYS A 39 -3.36 -17.00 10.35
CA LYS A 39 -3.82 -17.01 11.72
C LYS A 39 -3.21 -15.84 12.49
N ALA A 40 -4.01 -15.26 13.37
CA ALA A 40 -3.52 -14.16 14.20
C ALA A 40 -2.50 -14.68 15.21
N PRO A 41 -1.56 -13.82 15.63
CA PRO A 41 -0.67 -14.20 16.74
C PRO A 41 -1.49 -14.64 17.96
N LYS A 42 -1.07 -15.74 18.57
CA LYS A 42 -1.61 -16.33 19.78
C LYS A 42 -2.89 -17.11 19.52
N ALA A 43 -3.48 -17.05 18.33
CA ALA A 43 -4.70 -17.78 18.07
C ALA A 43 -4.46 -19.27 18.23
N ARG A 44 -5.40 -19.94 18.88
CA ARG A 44 -5.32 -21.37 19.15
C ARG A 44 -6.07 -22.16 18.07
N VAL A 45 -5.63 -21.97 16.84
CA VAL A 45 -6.28 -22.56 15.67
C VAL A 45 -5.21 -23.03 14.69
N PRO A 46 -5.57 -23.89 13.75
CA PRO A 46 -4.60 -24.36 12.77
C PRO A 46 -4.25 -23.30 11.75
N ASP A 47 -3.08 -23.47 11.13
CA ASP A 47 -2.73 -22.69 9.96
C ASP A 47 -3.35 -23.31 8.71
N LEU A 48 -3.56 -22.47 7.70
CA LEU A 48 -3.96 -22.95 6.39
C LEU A 48 -2.77 -23.56 5.65
N ASP A 49 -3.06 -24.50 4.76
CA ASP A 49 -2.00 -25.09 3.95
C ASP A 49 -1.36 -24.04 3.06
N LYS A 50 -2.18 -23.15 2.49
CA LYS A 50 -1.72 -22.04 1.67
C LYS A 50 -2.19 -20.75 2.29
N ARG A 51 -1.40 -19.69 2.15
CA ARG A 51 -1.86 -18.41 2.66
C ARG A 51 -2.27 -17.42 1.59
N LYS A 52 -2.03 -17.71 0.31
CA LYS A 52 -2.46 -16.86 -0.79
C LYS A 52 -3.75 -17.42 -1.40
N TYR A 53 -4.75 -16.55 -1.58
CA TYR A 53 -6.05 -16.92 -2.11
C TYR A 53 -6.41 -15.96 -3.25
N LEU A 54 -7.01 -16.53 -4.29
CA LEU A 54 -7.57 -15.75 -5.39
C LEU A 54 -9.08 -15.89 -5.24
N VAL A 55 -9.74 -14.78 -4.95
CA VAL A 55 -11.13 -14.80 -4.49
C VAL A 55 -11.99 -14.05 -5.49
N PRO A 56 -13.13 -14.60 -5.92
CA PRO A 56 -14.04 -13.82 -6.77
C PRO A 56 -14.49 -12.54 -6.08
N SER A 57 -14.52 -11.45 -6.84
CA SER A 57 -14.81 -10.17 -6.21
C SER A 57 -16.22 -10.08 -5.66
N ASP A 58 -17.18 -10.82 -6.23
CA ASP A 58 -18.56 -10.75 -5.75
C ASP A 58 -18.85 -11.76 -4.65
N LEU A 59 -17.89 -12.62 -4.29
CA LEU A 59 -18.06 -13.47 -3.10
C LEU A 59 -18.13 -12.60 -1.85
N THR A 60 -19.12 -12.86 -1.00
CA THR A 60 -19.23 -12.04 0.19
C THR A 60 -18.22 -12.46 1.24
N VAL A 61 -17.91 -11.52 2.14
CA VAL A 61 -17.04 -11.81 3.27
C VAL A 61 -17.59 -13.00 4.07
N GLY A 62 -18.91 -13.03 4.27
CA GLY A 62 -19.52 -14.12 5.00
C GLY A 62 -19.27 -15.48 4.37
N GLN A 63 -19.44 -15.56 3.06
CA GLN A 63 -19.20 -16.83 2.38
C GLN A 63 -17.74 -17.23 2.46
N PHE A 64 -16.83 -16.24 2.34
CA PHE A 64 -15.41 -16.53 2.46
C PHE A 64 -15.08 -17.05 3.86
N TYR A 65 -15.69 -16.45 4.88
CA TYR A 65 -15.53 -16.91 6.25
C TYR A 65 -15.90 -18.39 6.39
N PHE A 66 -17.03 -18.81 5.84
CA PHE A 66 -17.39 -20.21 5.96
C PHE A 66 -16.38 -21.11 5.28
N LEU A 67 -15.77 -20.65 4.18
CA LEU A 67 -14.79 -21.46 3.47
C LEU A 67 -13.53 -21.64 4.31
N ILE A 68 -13.07 -20.57 4.98
CA ILE A 68 -11.89 -20.69 5.83
C ILE A 68 -12.17 -21.58 7.04
N ARG A 69 -13.35 -21.45 7.66
CA ARG A 69 -13.71 -22.37 8.74
C ARG A 69 -13.57 -23.83 8.31
N LYS A 70 -14.00 -24.13 7.09
CA LYS A 70 -13.92 -25.50 6.59
C LYS A 70 -12.48 -25.91 6.34
N ARG A 71 -11.66 -24.99 5.82
CA ARG A 71 -10.28 -25.32 5.49
C ARG A 71 -9.49 -25.70 6.74
N ILE A 72 -9.74 -25.02 7.86
CA ILE A 72 -9.05 -25.36 9.11
C ILE A 72 -9.86 -26.33 9.98
N HIS A 73 -10.95 -26.90 9.44
CA HIS A 73 -11.64 -28.05 10.05
C HIS A 73 -12.26 -27.69 11.39
N LEU A 74 -12.85 -26.50 11.47
CA LEU A 74 -13.51 -26.12 12.72
C LEU A 74 -14.80 -26.90 12.91
N ARG A 75 -15.10 -27.18 14.17
CA ARG A 75 -16.39 -27.71 14.57
C ARG A 75 -17.41 -26.57 14.64
N PRO A 76 -18.69 -26.88 14.50
CA PRO A 76 -19.71 -25.82 14.63
C PRO A 76 -19.62 -25.03 15.94
N GLU A 77 -19.20 -25.66 17.04
CA GLU A 77 -19.14 -24.96 18.32
C GLU A 77 -17.98 -23.97 18.39
N ASP A 78 -17.02 -24.02 17.46
CA ASP A 78 -15.80 -23.24 17.61
C ASP A 78 -15.97 -21.82 17.12
N ALA A 79 -15.40 -20.87 17.86
CA ALA A 79 -15.43 -19.47 17.47
C ALA A 79 -14.35 -19.16 16.43
N LEU A 80 -14.66 -18.21 15.56
CA LEU A 80 -13.66 -17.69 14.64
C LEU A 80 -14.10 -16.31 14.18
N PHE A 81 -13.13 -15.40 14.12
CA PHE A 81 -13.32 -14.01 13.73
C PHE A 81 -12.27 -13.64 12.70
N PHE A 82 -12.68 -12.87 11.69
CA PHE A 82 -11.73 -12.26 10.75
C PHE A 82 -11.32 -10.87 11.25
N PHE A 83 -10.08 -10.47 10.93
CA PHE A 83 -9.63 -9.10 11.16
C PHE A 83 -8.95 -8.55 9.92
N VAL A 84 -9.31 -7.32 9.53
CA VAL A 84 -8.69 -6.62 8.41
C VAL A 84 -8.34 -5.23 8.91
N ASN A 85 -7.05 -4.92 8.97
CA ASN A 85 -6.60 -3.64 9.50
C ASN A 85 -7.23 -3.39 10.87
N ASN A 86 -7.20 -4.44 11.70
CA ASN A 86 -7.60 -4.43 13.11
C ASN A 86 -9.10 -4.27 13.31
N THR A 87 -9.91 -4.46 12.28
CA THR A 87 -11.35 -4.34 12.38
C THR A 87 -11.98 -5.64 11.88
N ILE A 88 -13.02 -6.10 12.57
CA ILE A 88 -13.76 -7.27 12.10
C ILE A 88 -14.69 -6.80 10.98
N PRO A 89 -14.55 -7.34 9.77
CA PRO A 89 -15.34 -6.82 8.63
C PRO A 89 -16.77 -7.32 8.66
N PRO A 90 -17.70 -6.57 8.06
CA PRO A 90 -19.09 -7.05 7.98
C PRO A 90 -19.21 -8.20 6.99
N THR A 91 -20.11 -9.14 7.29
CA THR A 91 -20.24 -10.33 6.45
C THR A 91 -20.95 -10.06 5.13
N SER A 92 -21.75 -8.98 5.04
CA SER A 92 -22.51 -8.69 3.83
C SER A 92 -21.69 -7.99 2.77
N ALA A 93 -20.53 -7.43 3.13
CA ALA A 93 -19.68 -6.81 2.13
C ALA A 93 -19.12 -7.86 1.16
N THR A 94 -18.88 -7.43 -0.08
CA THR A 94 -18.18 -8.28 -1.03
C THR A 94 -16.68 -8.24 -0.75
N MET A 95 -16.01 -9.34 -1.09
CA MET A 95 -14.56 -9.36 -1.01
C MET A 95 -13.93 -8.29 -1.87
N GLY A 96 -14.54 -7.98 -3.02
CA GLY A 96 -14.02 -6.92 -3.85
C GLY A 96 -14.11 -5.56 -3.17
N GLN A 97 -15.22 -5.30 -2.48
CA GLN A 97 -15.34 -4.03 -1.77
C GLN A 97 -14.38 -3.99 -0.60
N LEU A 98 -14.25 -5.10 0.12
CA LEU A 98 -13.28 -5.15 1.21
C LEU A 98 -11.87 -4.93 0.67
N TYR A 99 -11.56 -5.55 -0.47
CA TYR A 99 -10.26 -5.33 -1.11
C TYR A 99 -10.05 -3.87 -1.46
N GLU A 100 -11.02 -3.25 -2.14
CA GLU A 100 -10.85 -1.86 -2.54
C GLU A 100 -10.51 -0.97 -1.35
N ASP A 101 -11.17 -1.21 -0.22
CA ASP A 101 -11.08 -0.31 0.91
C ASP A 101 -9.88 -0.61 1.81
N ASN A 102 -9.23 -1.76 1.65
CA ASN A 102 -8.22 -2.17 2.61
C ASN A 102 -6.93 -2.71 2.02
N HIS A 103 -6.85 -2.97 0.72
CA HIS A 103 -5.64 -3.58 0.19
C HIS A 103 -4.46 -2.62 0.38
N GLU A 104 -3.27 -3.19 0.46
CA GLU A 104 -2.05 -2.48 0.79
C GLU A 104 -1.32 -2.13 -0.49
N GLU A 105 -0.17 -1.47 -0.33
CA GLU A 105 0.61 -1.01 -1.46
C GLU A 105 1.14 -2.14 -2.32
N ASP A 106 1.20 -3.36 -1.81
CA ASP A 106 1.63 -4.51 -2.60
C ASP A 106 0.47 -5.18 -3.33
N TYR A 107 -0.72 -4.59 -3.27
CA TYR A 107 -1.93 -5.03 -3.94
C TYR A 107 -2.56 -6.28 -3.35
N PHE A 108 -2.11 -6.71 -2.18
CA PHE A 108 -2.78 -7.75 -1.45
C PHE A 108 -3.73 -7.19 -0.41
N LEU A 109 -4.84 -7.89 -0.23
CA LEU A 109 -5.71 -7.73 0.94
C LEU A 109 -5.24 -8.73 1.98
N TYR A 110 -5.04 -8.26 3.21
CA TYR A 110 -4.55 -9.09 4.30
C TYR A 110 -5.68 -9.39 5.29
N VAL A 111 -5.98 -10.66 5.51
CA VAL A 111 -7.03 -11.11 6.44
C VAL A 111 -6.41 -12.02 7.50
N ALA A 112 -6.56 -11.66 8.77
CA ALA A 112 -6.19 -12.54 9.88
C ALA A 112 -7.43 -13.20 10.45
N TYR A 113 -7.26 -14.40 11.02
CA TYR A 113 -8.35 -15.06 11.71
C TYR A 113 -7.91 -15.48 13.11
N SER A 114 -8.87 -15.50 14.03
CA SER A 114 -8.58 -15.88 15.40
C SER A 114 -9.83 -16.47 16.03
N ASP A 115 -9.63 -17.30 17.05
CA ASP A 115 -10.72 -17.76 17.90
C ASP A 115 -11.19 -16.69 18.87
N GLU A 116 -10.39 -15.65 19.08
CA GLU A 116 -10.77 -14.53 19.94
C GLU A 116 -11.25 -13.36 19.10
N SER A 117 -12.09 -12.51 19.70
CA SER A 117 -12.63 -11.36 18.99
C SER A 117 -11.75 -10.12 19.12
N VAL A 118 -10.58 -10.24 19.73
CA VAL A 118 -9.59 -9.17 19.78
C VAL A 118 -8.32 -9.69 19.13
N TYR A 119 -7.80 -8.94 18.15
CA TYR A 119 -6.61 -9.36 17.44
C TYR A 119 -5.42 -9.45 18.38
N GLY A 120 -4.73 -10.59 18.35
CA GLY A 120 -3.56 -10.79 19.17
C GLY A 120 -3.82 -11.26 20.58
N LYS A 121 -5.08 -11.42 20.97
CA LYS A 121 -5.44 -11.93 22.29
C LYS A 121 -5.54 -13.46 22.24
N GLY B 1 -8.25 18.01 -3.02
CA GLY B 1 -6.94 18.71 -3.05
C GLY B 1 -6.88 19.82 -4.09
N PRO B 2 -5.82 20.62 -4.05
CA PRO B 2 -5.64 21.67 -5.06
C PRO B 2 -4.97 21.06 -6.29
N GLY B 3 -4.71 21.92 -7.27
CA GLY B 3 -4.09 21.48 -8.50
C GLY B 3 -4.96 20.51 -9.26
N SER B 4 -4.47 20.06 -10.42
CA SER B 4 -5.21 19.15 -11.30
C SER B 4 -4.27 18.04 -11.77
N MET B 5 -3.62 17.39 -10.81
CA MET B 5 -2.71 16.29 -11.07
C MET B 5 -3.39 14.96 -10.73
N LYS B 6 -2.87 13.88 -11.32
CA LYS B 6 -3.43 12.55 -11.13
C LYS B 6 -2.35 11.62 -10.59
N PHE B 7 -2.61 11.03 -9.42
CA PHE B 7 -1.67 10.13 -8.79
C PHE B 7 -2.29 8.74 -8.63
N GLN B 8 -1.52 7.71 -8.99
CA GLN B 8 -2.00 6.34 -8.88
CA GLN B 8 -2.02 6.35 -8.89
C GLN B 8 -2.28 5.96 -7.44
N TYR B 9 -1.53 6.53 -6.49
CA TYR B 9 -1.79 6.24 -5.07
C TYR B 9 -3.23 6.62 -4.72
N LYS B 10 -3.74 7.72 -5.30
CA LYS B 10 -5.14 8.10 -5.03
C LYS B 10 -6.12 7.27 -5.85
N GLU B 11 -5.72 6.83 -7.05
CA GLU B 11 -6.54 5.89 -7.80
C GLU B 11 -6.71 4.58 -7.05
N ASP B 12 -5.64 4.13 -6.39
CA ASP B 12 -5.57 2.81 -5.81
C ASP B 12 -6.22 2.73 -4.43
N HIS B 13 -6.38 3.86 -3.73
CA HIS B 13 -6.86 3.80 -2.35
C HIS B 13 -7.92 4.86 -2.12
N PRO B 14 -9.02 4.51 -1.44
CA PRO B 14 -9.98 5.55 -1.05
C PRO B 14 -9.42 6.49 0.01
N PHE B 15 -10.06 7.65 0.12
CA PHE B 15 -9.58 8.70 1.02
C PHE B 15 -9.39 8.19 2.45
N GLU B 16 -10.36 7.46 2.98
CA GLU B 16 -10.28 6.99 4.36
C GLU B 16 -9.01 6.17 4.60
N TYR B 17 -8.64 5.32 3.64
CA TYR B 17 -7.42 4.54 3.77
C TYR B 17 -6.18 5.44 3.75
N ARG B 18 -6.15 6.40 2.83
CA ARG B 18 -4.97 7.26 2.72
C ARG B 18 -4.81 8.12 3.97
N LYS B 19 -5.92 8.67 4.49
CA LYS B 19 -5.81 9.53 5.67
C LYS B 19 -5.27 8.74 6.85
N LYS B 20 -5.71 7.50 7.03
CA LYS B 20 -5.22 6.70 8.14
C LYS B 20 -3.73 6.41 7.99
N GLU B 21 -3.28 6.11 6.77
CA GLU B 21 -1.84 5.95 6.56
C GLU B 21 -1.10 7.24 6.86
N GLY B 22 -1.56 8.35 6.31
CA GLY B 22 -0.82 9.59 6.45
C GLY B 22 -0.83 10.14 7.86
N GLU B 23 -2.02 10.27 8.46
CA GLU B 23 -2.12 10.71 9.84
C GLU B 23 -1.26 9.86 10.74
N LYS B 24 -1.27 8.56 10.52
CA LYS B 24 -0.41 7.70 11.30
C LYS B 24 1.05 8.17 11.20
N ILE B 25 1.58 8.26 9.98
CA ILE B 25 3.02 8.49 9.82
C ILE B 25 3.40 9.83 10.42
N ARG B 26 2.51 10.81 10.29
CA ARG B 26 2.83 12.16 10.73
C ARG B 26 2.95 12.19 12.25
N LYS B 27 1.99 11.55 12.94
CA LYS B 27 2.00 11.53 14.41
C LYS B 27 3.14 10.69 14.94
N LYS B 28 3.71 9.79 14.14
CA LYS B 28 4.77 8.91 14.62
C LYS B 28 6.15 9.50 14.43
N TYR B 29 6.36 10.36 13.42
CA TYR B 29 7.66 10.96 13.14
C TYR B 29 7.49 12.47 13.04
N PRO B 30 7.56 13.19 14.19
CA PRO B 30 7.30 14.64 14.16
C PRO B 30 8.29 15.42 13.31
N ASP B 31 9.55 14.99 13.18
CA ASP B 31 10.52 15.76 12.40
C ASP B 31 10.68 15.24 10.96
N ARG B 32 9.73 14.43 10.50
CA ARG B 32 9.73 13.90 9.14
C ARG B 32 8.34 14.05 8.53
N VAL B 33 8.29 13.98 7.20
CA VAL B 33 7.01 14.13 6.52
C VAL B 33 6.78 12.97 5.55
N PRO B 34 5.53 12.54 5.37
CA PRO B 34 5.21 11.53 4.36
C PRO B 34 4.93 12.15 3.01
N VAL B 35 5.52 11.54 1.98
CA VAL B 35 5.50 12.07 0.64
C VAL B 35 5.18 10.93 -0.33
N ILE B 36 4.26 11.17 -1.24
CA ILE B 36 4.00 10.31 -2.37
C ILE B 36 4.77 10.87 -3.56
N VAL B 37 5.61 10.05 -4.20
CA VAL B 37 6.40 10.48 -5.34
C VAL B 37 6.08 9.58 -6.52
N GLU B 38 5.58 10.17 -7.60
CA GLU B 38 5.21 9.38 -8.76
C GLU B 38 5.62 10.11 -10.04
N LYS B 39 5.75 9.33 -11.11
CA LYS B 39 6.00 9.90 -12.43
C LYS B 39 4.74 10.57 -12.94
N ALA B 40 4.94 11.73 -13.59
CA ALA B 40 3.84 12.43 -14.23
C ALA B 40 3.32 11.65 -15.44
N PRO B 41 2.04 11.84 -15.80
CA PRO B 41 1.52 11.26 -17.04
C PRO B 41 2.36 11.70 -18.23
N LYS B 42 2.70 10.75 -19.08
CA LYS B 42 3.41 10.92 -20.34
C LYS B 42 4.91 11.15 -20.14
N ALA B 43 5.40 11.18 -18.90
CA ALA B 43 6.82 11.38 -18.68
C ALA B 43 7.60 10.17 -19.17
N ARG B 44 8.70 10.44 -19.88
CA ARG B 44 9.52 9.38 -20.46
C ARG B 44 10.67 9.02 -19.52
N VAL B 45 10.30 8.56 -18.32
CA VAL B 45 11.30 8.20 -17.32
C VAL B 45 10.80 7.01 -16.51
N PRO B 46 11.66 6.35 -15.74
CA PRO B 46 11.21 5.16 -15.00
C PRO B 46 10.35 5.49 -13.79
N ASP B 47 9.55 4.49 -13.40
CA ASP B 47 8.88 4.51 -12.10
C ASP B 47 9.86 4.17 -10.99
N LEU B 48 9.60 4.73 -9.81
CA LEU B 48 10.33 4.33 -8.61
C LEU B 48 9.82 2.98 -8.11
N ASP B 49 10.69 2.28 -7.38
CA ASP B 49 10.28 0.98 -6.83
C ASP B 49 9.21 1.17 -5.76
N LYS B 50 9.28 2.27 -5.02
CA LYS B 50 8.32 2.61 -3.98
C LYS B 50 7.84 4.03 -4.23
N ARG B 51 6.56 4.28 -3.96
CA ARG B 51 6.07 5.64 -4.13
C ARG B 51 5.84 6.38 -2.84
N LYS B 52 5.93 5.71 -1.68
CA LYS B 52 5.82 6.36 -0.37
C LYS B 52 7.22 6.61 0.16
N TYR B 53 7.47 7.82 0.65
CA TYR B 53 8.75 8.25 1.18
C TYR B 53 8.54 8.94 2.52
N LEU B 54 9.45 8.69 3.46
CA LEU B 54 9.50 9.36 4.76
C LEU B 54 10.74 10.23 4.74
N VAL B 55 10.56 11.54 4.74
CA VAL B 55 11.63 12.47 4.39
C VAL B 55 11.88 13.38 5.57
N PRO B 56 13.14 13.60 5.97
CA PRO B 56 13.39 14.55 7.06
C PRO B 56 12.85 15.93 6.71
N SER B 57 12.25 16.61 7.70
CA SER B 57 11.64 17.91 7.44
C SER B 57 12.69 18.94 6.99
N ASP B 58 13.92 18.83 7.49
CA ASP B 58 14.95 19.81 7.16
C ASP B 58 15.73 19.47 5.89
N LEU B 59 15.47 18.33 5.26
CA LEU B 59 16.05 18.09 3.94
C LEU B 59 15.48 19.10 2.95
N THR B 60 16.35 19.68 2.13
CA THR B 60 15.83 20.63 1.16
C THR B 60 15.22 19.90 -0.05
N VAL B 61 14.33 20.62 -0.72
CA VAL B 61 13.73 20.13 -1.96
C VAL B 61 14.83 19.73 -2.94
N GLY B 62 15.88 20.55 -3.03
CA GLY B 62 16.96 20.28 -3.98
C GLY B 62 17.68 18.98 -3.69
N GLN B 63 18.02 18.75 -2.42
CA GLN B 63 18.65 17.48 -2.05
C GLN B 63 17.74 16.30 -2.36
N PHE B 64 16.44 16.44 -2.06
CA PHE B 64 15.52 15.35 -2.36
C PHE B 64 15.44 15.12 -3.86
N TYR B 65 15.48 16.18 -4.64
CA TYR B 65 15.51 16.05 -6.08
C TYR B 65 16.69 15.19 -6.55
N PHE B 66 17.89 15.47 -6.04
CA PHE B 66 19.04 14.66 -6.45
C PHE B 66 18.87 13.20 -6.04
N LEU B 67 18.22 12.96 -4.90
CA LEU B 67 17.97 11.60 -4.41
CA LEU B 67 18.02 11.59 -4.44
C LEU B 67 17.06 10.85 -5.37
N ILE B 68 15.99 11.51 -5.84
CA ILE B 68 15.07 10.90 -6.79
C ILE B 68 15.75 10.67 -8.15
N ARG B 69 16.59 11.62 -8.58
CA ARG B 69 17.33 11.40 -9.83
C ARG B 69 18.14 10.10 -9.77
N LYS B 70 18.76 9.84 -8.63
CA LYS B 70 19.60 8.65 -8.49
C LYS B 70 18.75 7.39 -8.46
N ARG B 71 17.60 7.47 -7.79
CA ARG B 71 16.76 6.28 -7.66
CA ARG B 71 16.75 6.29 -7.65
C ARG B 71 16.22 5.81 -8.99
N ILE B 72 15.94 6.74 -9.92
CA ILE B 72 15.51 6.35 -11.26
C ILE B 72 16.67 6.32 -12.26
N HIS B 73 17.91 6.40 -11.78
CA HIS B 73 19.10 6.10 -12.60
C HIS B 73 19.27 7.07 -13.77
N LEU B 74 18.97 8.34 -13.52
CA LEU B 74 19.16 9.33 -14.57
C LEU B 74 20.64 9.57 -14.82
N ARG B 75 20.96 9.86 -16.07
CA ARG B 75 22.28 10.33 -16.47
C ARG B 75 22.39 11.83 -16.22
N PRO B 76 23.61 12.34 -16.06
CA PRO B 76 23.74 13.79 -15.84
C PRO B 76 23.06 14.65 -16.90
N GLU B 77 23.02 14.19 -18.15
CA GLU B 77 22.45 15.01 -19.22
C GLU B 77 20.93 14.99 -19.24
N ASP B 78 20.29 14.13 -18.45
CA ASP B 78 18.84 13.97 -18.48
C ASP B 78 18.13 15.04 -17.68
N ALA B 79 17.03 15.55 -18.22
CA ALA B 79 16.22 16.54 -17.54
C ALA B 79 15.26 15.87 -16.55
N LEU B 80 15.00 16.56 -15.46
CA LEU B 80 13.96 16.13 -14.53
C LEU B 80 13.46 17.34 -13.78
N PHE B 81 12.15 17.41 -13.60
CA PHE B 81 11.49 18.48 -12.87
C PHE B 81 10.49 17.85 -11.91
N PHE B 82 10.33 18.50 -10.77
CA PHE B 82 9.31 18.18 -9.79
C PHE B 82 8.09 19.08 -10.00
N PHE B 83 6.91 18.55 -9.71
CA PHE B 83 5.70 19.36 -9.66
C PHE B 83 4.92 19.09 -8.38
N VAL B 84 4.47 20.15 -7.73
CA VAL B 84 3.63 20.05 -6.53
C VAL B 84 2.46 20.99 -6.77
N ASN B 85 1.26 20.44 -6.89
CA ASN B 85 0.07 21.26 -7.17
C ASN B 85 0.32 22.13 -8.40
N ASN B 86 0.86 21.47 -9.43
CA ASN B 86 1.12 22.02 -10.76
C ASN B 86 2.15 23.13 -10.77
N THR B 87 2.95 23.28 -9.72
CA THR B 87 4.01 24.28 -9.65
C THR B 87 5.34 23.56 -9.42
N ILE B 88 6.40 24.03 -10.09
CA ILE B 88 7.73 23.50 -9.84
C ILE B 88 8.25 24.16 -8.56
N PRO B 89 8.56 23.39 -7.52
CA PRO B 89 8.93 24.02 -6.24
C PRO B 89 10.36 24.55 -6.25
N PRO B 90 10.65 25.56 -5.42
CA PRO B 90 12.04 26.04 -5.32
C PRO B 90 12.92 25.02 -4.64
N THR B 91 14.19 24.98 -5.03
CA THR B 91 15.09 23.98 -4.47
C THR B 91 15.55 24.30 -3.06
N SER B 92 15.55 25.59 -2.66
CA SER B 92 16.02 25.96 -1.35
C SER B 92 14.98 25.76 -0.25
N ALA B 93 13.71 25.55 -0.60
CA ALA B 93 12.71 25.25 0.42
C ALA B 93 13.03 23.91 1.08
N THR B 94 12.70 23.81 2.37
CA THR B 94 12.78 22.53 3.05
C THR B 94 11.56 21.71 2.68
N MET B 95 11.70 20.40 2.79
CA MET B 95 10.56 19.58 2.45
C MET B 95 9.50 19.70 3.55
N GLY B 96 9.92 20.01 4.78
CA GLY B 96 8.94 20.34 5.80
C GLY B 96 8.09 21.54 5.44
N GLN B 97 8.72 22.58 4.89
CA GLN B 97 7.98 23.78 4.48
C GLN B 97 7.11 23.48 3.26
N LEU B 98 7.65 22.75 2.30
CA LEU B 98 6.85 22.34 1.16
C LEU B 98 5.65 21.53 1.62
N TYR B 99 5.87 20.64 2.58
CA TYR B 99 4.78 19.86 3.15
C TYR B 99 3.74 20.75 3.81
N GLU B 100 4.19 21.67 4.66
CA GLU B 100 3.24 22.51 5.36
C GLU B 100 2.30 23.21 4.39
N ASP B 101 2.85 23.70 3.28
CA ASP B 101 2.10 24.54 2.35
C ASP B 101 1.30 23.77 1.32
N ASN B 102 1.53 22.47 1.16
CA ASN B 102 0.95 21.74 0.05
C ASN B 102 0.32 20.40 0.39
N HIS B 103 0.50 19.87 1.60
CA HIS B 103 -0.04 18.55 1.90
C HIS B 103 -1.56 18.56 1.82
N GLU B 104 -2.14 17.41 1.47
CA GLU B 104 -3.56 17.29 1.23
C GLU B 104 -4.28 16.82 2.50
N GLU B 105 -5.59 16.64 2.39
CA GLU B 105 -6.40 16.23 3.53
C GLU B 105 -6.06 14.84 4.05
N ASP B 106 -5.40 14.01 3.24
CA ASP B 106 -4.96 12.73 3.73
C ASP B 106 -3.58 12.79 4.41
N TYR B 107 -3.02 13.99 4.54
CA TYR B 107 -1.77 14.27 5.24
C TYR B 107 -0.54 13.84 4.46
N PHE B 108 -0.69 13.50 3.19
CA PHE B 108 0.46 13.27 2.32
C PHE B 108 0.76 14.53 1.52
N LEU B 109 2.05 14.75 1.27
CA LEU B 109 2.51 15.66 0.22
C LEU B 109 2.67 14.84 -1.05
N TYR B 110 2.16 15.36 -2.17
CA TYR B 110 2.24 14.66 -3.46
C TYR B 110 3.22 15.38 -4.37
N VAL B 111 4.20 14.65 -4.89
CA VAL B 111 5.23 15.19 -5.77
C VAL B 111 5.25 14.34 -7.04
N ALA B 112 5.08 14.98 -8.19
CA ALA B 112 5.24 14.35 -9.49
C ALA B 112 6.57 14.75 -10.12
N TYR B 113 7.14 13.85 -10.91
CA TYR B 113 8.37 14.17 -11.60
C TYR B 113 8.22 13.85 -13.08
N SER B 114 8.89 14.65 -13.90
CA SER B 114 8.78 14.52 -15.34
C SER B 114 10.07 15.01 -15.97
N ASP B 115 10.35 14.50 -17.17
CA ASP B 115 11.44 15.00 -18.00
C ASP B 115 11.07 16.30 -18.72
N GLU B 116 9.80 16.68 -18.71
CA GLU B 116 9.35 17.94 -19.28
C GLU B 116 9.04 18.95 -18.17
N SER B 117 9.18 20.23 -18.49
CA SER B 117 8.94 21.28 -17.51
C SER B 117 7.48 21.70 -17.45
N VAL B 118 6.58 20.97 -18.09
CA VAL B 118 5.14 21.19 -18.00
C VAL B 118 4.50 19.87 -17.59
N TYR B 119 3.69 19.90 -16.53
CA TYR B 119 3.11 18.66 -16.03
C TYR B 119 2.18 18.05 -17.07
N GLY B 120 2.43 16.79 -17.42
CA GLY B 120 1.59 16.07 -18.35
C GLY B 120 2.00 16.19 -19.79
N LYS B 121 2.99 17.03 -20.10
CA LYS B 121 3.51 17.16 -21.46
C LYS B 121 4.50 16.04 -21.73
N GLU C 1 9.66 -7.34 5.01
CA GLU C 1 9.46 -6.78 6.34
C GLU C 1 8.06 -6.19 6.49
N GLN C 2 7.62 -5.95 7.72
CA GLN C 2 6.24 -5.53 7.94
C GLN C 2 5.93 -4.20 7.25
N ASP C 3 6.78 -3.19 7.45
CA ASP C 3 6.44 -1.82 7.07
C ASP C 3 7.36 -1.27 5.99
N ASP C 4 7.82 -2.13 5.09
CA ASP C 4 8.80 -1.74 4.09
C ASP C 4 8.16 -1.20 2.82
N ASP C 5 6.87 -0.84 2.84
CA ASP C 5 6.25 -0.18 1.69
C ASP C 5 6.62 1.29 1.63
N ILE C 6 7.40 1.77 2.59
CA ILE C 6 7.83 3.16 2.63
C ILE C 6 9.35 3.19 2.59
N GLU C 7 9.90 4.15 1.85
CA GLU C 7 11.34 4.35 1.79
C GLU C 7 11.70 5.43 2.81
N VAL C 8 12.53 5.07 3.78
CA VAL C 8 12.97 6.02 4.80
C VAL C 8 14.25 6.68 4.31
N ILE C 9 14.22 8.00 4.14
CA ILE C 9 15.35 8.75 3.63
C ILE C 9 16.22 9.19 4.80
N VAL C 10 17.53 8.98 4.67
CA VAL C 10 18.51 9.42 5.65
C VAL C 10 19.75 9.81 4.86
N ASP C 11 20.73 10.38 5.55
CA ASP C 11 22.03 10.69 4.94
C ASP C 11 23.10 9.75 5.48
N GLU D 1 2.70 -28.34 -9.53
CA GLU D 1 2.40 -27.52 -10.69
C GLU D 1 3.09 -26.16 -10.57
N GLN D 2 3.21 -25.44 -11.69
CA GLN D 2 4.02 -24.21 -11.70
C GLN D 2 3.48 -23.18 -10.71
N ASP D 3 2.17 -22.94 -10.70
CA ASP D 3 1.61 -21.80 -9.99
C ASP D 3 0.61 -22.22 -8.92
N ASP D 4 0.84 -23.36 -8.29
CA ASP D 4 -0.10 -23.90 -7.32
C ASP D 4 0.17 -23.40 -5.91
N ASP D 5 0.89 -22.28 -5.77
CA ASP D 5 1.07 -21.67 -4.45
C ASP D 5 -0.10 -20.79 -4.05
N ILE D 6 -1.13 -20.70 -4.88
CA ILE D 6 -2.31 -19.89 -4.60
C ILE D 6 -3.53 -20.80 -4.65
N GLU D 7 -4.46 -20.61 -3.71
CA GLU D 7 -5.71 -21.36 -3.69
C GLU D 7 -6.74 -20.57 -4.49
N VAL D 8 -7.25 -21.15 -5.57
CA VAL D 8 -8.24 -20.48 -6.40
C VAL D 8 -9.63 -20.88 -5.91
N ILE D 9 -10.37 -19.90 -5.42
CA ILE D 9 -11.69 -20.15 -4.85
C ILE D 9 -12.73 -20.17 -5.97
N VAL D 10 -13.53 -21.24 -6.01
CA VAL D 10 -14.66 -21.31 -6.93
C VAL D 10 -15.87 -21.82 -6.15
N ASP D 11 -16.97 -22.09 -6.85
CA ASP D 11 -18.18 -22.57 -6.20
C ASP D 11 -18.69 -23.85 -6.86
#